data_5JQ4
#
_entry.id   5JQ4
#
_cell.length_a   129.453
_cell.length_b   33.839
_cell.length_c   67.529
_cell.angle_alpha   90.000
_cell.angle_beta   109.510
_cell.angle_gamma   90.000
#
_symmetry.space_group_name_H-M   'C 1 2 1'
#
loop_
_entity.id
_entity.type
_entity.pdbx_description
1 polymer 'Acetyltransferase SACOL1063'
2 non-polymer 'THIOCYANATE ION'
3 non-polymer 'CHLORIDE ION'
4 non-polymer 1,2-ETHANEDIOL
5 non-polymer 'UNKNOWN ATOM OR ION'
6 water water
#
_entity_poly.entity_id   1
_entity_poly.type   'polypeptide(L)'
_entity_poly.pdbx_seq_one_letter_code
;SNA(MSE)FSKVNNQK(MSE)LEDCFYIRKKVFVEEQGIPEESEIDEYESESIHLIGYDNGQPVATARIRPINETTVKIE
RVAV(MSE)KSHRGQG(MSE)GR(MSE)L(MSE)QAVESLAKDEGFYVAT(MSE)NAQCHAIPFYESLNFK(MSE)RGNI
FLEEGIEHIE(MSE)TKKLTSL
;
_entity_poly.pdbx_strand_id   A,B
#
loop_
_chem_comp.id
_chem_comp.type
_chem_comp.name
_chem_comp.formula
CL non-polymer 'CHLORIDE ION' 'Cl -1'
EDO non-polymer 1,2-ETHANEDIOL 'C2 H6 O2'
SCN non-polymer 'THIOCYANATE ION' 'C N S -1'
UNX non-polymer 'UNKNOWN ATOM OR ION' ?
#
# COMPACT_ATOMS: atom_id res chain seq x y z
N ALA A 3 -30.27 7.01 -6.54
CA ALA A 3 -29.16 6.16 -7.01
C ALA A 3 -29.42 4.67 -6.76
N MSE A 4 -29.43 3.87 -7.83
CA MSE A 4 -29.73 2.45 -7.68
C MSE A 4 -28.63 1.62 -8.24
O MSE A 4 -28.16 1.87 -9.35
CB MSE A 4 -31.05 2.13 -8.34
CG MSE A 4 -32.15 2.65 -7.41
SE MSE A 4 -33.89 1.97 -7.98
CE MSE A 4 -34.76 1.88 -6.21
N PHE A 5 -28.24 0.59 -7.50
CA PHE A 5 -27.16 -0.29 -7.94
C PHE A 5 -27.67 -1.69 -8.27
N SER A 6 -27.12 -2.27 -9.34
CA SER A 6 -27.51 -3.60 -9.77
CA SER A 6 -27.54 -3.58 -9.81
C SER A 6 -26.37 -4.41 -10.35
N LYS A 7 -26.45 -5.72 -10.17
CA LYS A 7 -25.56 -6.59 -10.94
C LYS A 7 -25.88 -6.41 -12.40
N VAL A 8 -24.86 -6.38 -13.23
CA VAL A 8 -25.04 -6.41 -14.67
C VAL A 8 -25.52 -7.78 -15.11
N ASN A 9 -26.74 -7.93 -15.67
N ASN A 9 -26.73 -7.79 -15.68
CA ASN A 9 -27.18 -9.21 -16.26
CA ASN A 9 -27.44 -8.97 -16.14
C ASN A 9 -27.56 -9.13 -17.75
C ASN A 9 -27.64 -9.07 -17.67
N ASN A 10 -27.25 -8.05 -18.44
CA ASN A 10 -27.45 -8.05 -19.91
C ASN A 10 -26.48 -7.14 -20.58
N GLN A 11 -26.46 -7.21 -21.91
CA GLN A 11 -25.49 -6.48 -22.71
C GLN A 11 -25.64 -4.96 -22.62
N LYS A 12 -26.86 -4.46 -22.41
CA LYS A 12 -27.07 -3.00 -22.27
C LYS A 12 -26.44 -2.45 -20.98
N MSE A 13 -26.69 -3.14 -19.87
CA MSE A 13 -26.14 -2.81 -18.58
C MSE A 13 -24.63 -2.86 -18.65
O MSE A 13 -23.94 -2.01 -18.10
CB MSE A 13 -26.71 -3.69 -17.46
CG MSE A 13 -28.22 -3.52 -17.25
SE MSE A 13 -28.88 -4.90 -15.99
CE MSE A 13 -28.52 -3.77 -14.45
N LEU A 14 -24.08 -3.80 -19.41
CA LEU A 14 -22.62 -3.88 -19.57
C LEU A 14 -22.07 -2.71 -20.32
N GLU A 15 -22.69 -2.40 -21.45
CA GLU A 15 -22.31 -1.25 -22.26
C GLU A 15 -22.32 0.00 -21.38
N ASP A 16 -23.32 0.14 -20.50
CA ASP A 16 -23.45 1.27 -19.58
C ASP A 16 -22.16 1.37 -18.73
N CYS A 17 -21.68 0.20 -18.26
CA CYS A 17 -20.41 0.09 -17.51
C CYS A 17 -19.23 0.57 -18.34
N PHE A 18 -19.07 0.04 -19.55
CA PHE A 18 -17.95 0.47 -20.42
C PHE A 18 -18.05 1.97 -20.81
N TYR A 19 -19.25 2.47 -21.07
CA TYR A 19 -19.42 3.91 -21.31
C TYR A 19 -18.82 4.78 -20.19
N ILE A 20 -19.21 4.44 -18.96
CA ILE A 20 -18.77 5.18 -17.80
C ILE A 20 -17.24 5.13 -17.68
N ARG A 21 -16.70 3.96 -17.91
CA ARG A 21 -15.27 3.78 -17.89
C ARG A 21 -14.60 4.47 -19.07
N LYS A 22 -15.27 4.55 -20.21
CA LYS A 22 -14.67 5.29 -21.35
C LYS A 22 -14.52 6.77 -20.95
N LYS A 23 -15.59 7.33 -20.39
CA LYS A 23 -15.64 8.77 -20.04
C LYS A 23 -14.62 9.11 -18.98
N VAL A 24 -14.46 8.20 -18.02
CA VAL A 24 -13.59 8.46 -16.89
C VAL A 24 -12.16 8.06 -17.20
N PHE A 25 -11.94 6.80 -17.53
CA PHE A 25 -10.58 6.31 -17.74
C PHE A 25 -9.97 6.86 -19.02
N VAL A 26 -10.67 6.67 -20.13
CA VAL A 26 -10.17 7.09 -21.46
C VAL A 26 -10.21 8.59 -21.80
N GLU A 27 -11.37 9.24 -21.62
CA GLU A 27 -11.52 10.65 -21.96
C GLU A 27 -10.97 11.53 -20.84
N GLU A 28 -11.51 11.37 -19.63
CA GLU A 28 -11.06 12.18 -18.49
C GLU A 28 -9.60 11.92 -18.10
N GLN A 29 -9.18 10.65 -18.03
CA GLN A 29 -7.86 10.30 -17.48
C GLN A 29 -6.77 9.94 -18.49
N GLY A 30 -7.15 9.61 -19.72
CA GLY A 30 -6.18 9.34 -20.80
C GLY A 30 -5.65 7.93 -20.98
N ILE A 31 -6.23 6.95 -20.30
CA ILE A 31 -5.87 5.54 -20.47
C ILE A 31 -6.47 4.94 -21.76
N PRO A 32 -5.74 4.07 -22.48
CA PRO A 32 -6.31 3.50 -23.73
C PRO A 32 -7.47 2.50 -23.52
N GLU A 33 -8.53 2.67 -24.31
CA GLU A 33 -9.75 1.80 -24.26
C GLU A 33 -9.52 0.27 -24.35
N GLU A 34 -8.59 -0.14 -25.21
CA GLU A 34 -8.20 -1.56 -25.35
C GLU A 34 -7.24 -2.07 -24.25
N SER A 35 -6.69 -1.15 -23.46
CA SER A 35 -5.94 -1.50 -22.26
C SER A 35 -6.94 -1.77 -21.13
N GLU A 36 -7.77 -0.77 -20.84
CA GLU A 36 -8.72 -0.84 -19.72
C GLU A 36 -9.75 -2.00 -19.82
N ILE A 37 -10.30 -2.26 -21.01
CA ILE A 37 -11.15 -3.45 -21.21
C ILE A 37 -10.29 -4.67 -21.59
N ASP A 38 -10.09 -5.58 -20.63
CA ASP A 38 -9.00 -6.58 -20.70
C ASP A 38 -9.48 -8.05 -20.81
N GLU A 39 -8.54 -8.97 -20.67
CA GLU A 39 -8.82 -10.40 -20.71
C GLU A 39 -9.69 -10.87 -19.53
N TYR A 40 -9.62 -10.13 -18.41
CA TYR A 40 -10.38 -10.43 -17.19
C TYR A 40 -11.81 -9.96 -17.16
N GLU A 41 -12.26 -9.17 -18.14
CA GLU A 41 -13.65 -8.72 -18.16
C GLU A 41 -14.61 -9.89 -18.07
N SER A 42 -14.38 -10.92 -18.87
CA SER A 42 -15.39 -11.98 -19.04
C SER A 42 -15.62 -12.81 -17.76
N GLU A 43 -14.55 -12.98 -16.99
CA GLU A 43 -14.55 -13.73 -15.74
C GLU A 43 -14.91 -12.92 -14.48
N SER A 44 -15.19 -11.63 -14.64
CA SER A 44 -15.59 -10.76 -13.55
C SER A 44 -17.11 -10.57 -13.52
N ILE A 45 -17.62 -10.28 -12.35
CA ILE A 45 -18.99 -9.82 -12.14
C ILE A 45 -18.93 -8.31 -12.26
N HIS A 46 -19.96 -7.71 -12.86
CA HIS A 46 -19.96 -6.25 -13.02
C HIS A 46 -21.14 -5.67 -12.29
N LEU A 47 -20.93 -4.45 -11.79
CA LEU A 47 -21.95 -3.70 -11.07
C LEU A 47 -22.15 -2.32 -11.72
N ILE A 48 -23.40 -1.88 -11.83
CA ILE A 48 -23.77 -0.56 -12.45
C ILE A 48 -24.69 0.17 -11.49
N GLY A 49 -24.43 1.48 -11.39
CA GLY A 49 -25.30 2.34 -10.61
C GLY A 49 -25.86 3.41 -11.53
N TYR A 50 -27.15 3.70 -11.33
CA TYR A 50 -27.89 4.70 -12.09
C TYR A 50 -28.39 5.77 -11.13
N ASP A 51 -28.45 7.00 -11.60
CA ASP A 51 -29.05 8.09 -10.86
C ASP A 51 -30.04 8.76 -11.81
N ASN A 52 -31.33 8.69 -11.46
CA ASN A 52 -32.40 9.26 -12.30
C ASN A 52 -32.35 8.73 -13.71
N GLY A 53 -32.21 7.42 -13.79
CA GLY A 53 -32.03 6.69 -15.05
C GLY A 53 -30.70 6.77 -15.77
N GLN A 54 -29.78 7.61 -15.27
CA GLN A 54 -28.49 7.84 -15.94
C GLN A 54 -27.39 6.98 -15.32
N PRO A 55 -26.52 6.40 -16.14
CA PRO A 55 -25.40 5.58 -15.62
C PRO A 55 -24.36 6.48 -15.04
N VAL A 56 -24.07 6.27 -13.77
CA VAL A 56 -23.11 7.10 -13.10
C VAL A 56 -21.98 6.43 -12.39
N ALA A 57 -22.06 5.12 -12.13
CA ALA A 57 -21.02 4.47 -11.40
C ALA A 57 -20.94 2.99 -11.80
N THR A 58 -19.72 2.46 -11.84
CA THR A 58 -19.54 1.01 -12.13
C THR A 58 -18.37 0.45 -11.33
N ALA A 59 -18.38 -0.87 -11.11
CA ALA A 59 -17.20 -1.55 -10.57
C ALA A 59 -17.24 -2.99 -11.08
N ARG A 60 -16.08 -3.63 -11.10
CA ARG A 60 -16.06 -5.07 -11.34
C ARG A 60 -15.46 -5.79 -10.15
N ILE A 61 -15.93 -7.01 -10.01
CA ILE A 61 -15.66 -7.82 -8.89
C ILE A 61 -15.18 -9.11 -9.50
N ARG A 62 -13.87 -9.37 -9.35
CA ARG A 62 -13.16 -10.47 -10.03
C ARG A 62 -12.74 -11.55 -9.02
N PRO A 63 -13.36 -12.74 -9.11
CA PRO A 63 -12.97 -13.84 -8.23
C PRO A 63 -11.53 -14.18 -8.45
N ILE A 64 -10.76 -14.25 -7.39
CA ILE A 64 -9.42 -14.79 -7.47
C ILE A 64 -9.28 -16.25 -6.97
N ASN A 65 -10.33 -16.73 -6.30
CA ASN A 65 -10.43 -18.11 -5.78
C ASN A 65 -11.86 -18.27 -5.24
N GLU A 66 -12.12 -19.37 -4.53
CA GLU A 66 -13.42 -19.66 -4.01
C GLU A 66 -13.95 -18.68 -2.96
N THR A 67 -13.06 -18.00 -2.23
CA THR A 67 -13.47 -17.14 -1.13
C THR A 67 -13.30 -15.62 -1.35
N THR A 68 -12.45 -15.22 -2.29
CA THR A 68 -11.95 -13.84 -2.36
C THR A 68 -12.20 -13.20 -3.73
N VAL A 69 -12.60 -11.93 -3.72
CA VAL A 69 -12.79 -11.19 -4.97
C VAL A 69 -11.94 -9.95 -4.88
N LYS A 70 -11.39 -9.54 -6.03
CA LYS A 70 -10.75 -8.25 -6.13
C LYS A 70 -11.67 -7.25 -6.76
N ILE A 71 -11.76 -6.05 -6.13
CA ILE A 71 -12.58 -4.96 -6.62
CA ILE A 71 -12.59 -4.95 -6.60
C ILE A 71 -11.71 -4.07 -7.48
N GLU A 72 -12.12 -3.91 -8.74
CA GLU A 72 -11.31 -3.26 -9.74
C GLU A 72 -12.20 -2.46 -10.69
N ARG A 73 -11.51 -1.65 -11.49
CA ARG A 73 -12.12 -0.86 -12.57
C ARG A 73 -13.30 -0.03 -12.03
N VAL A 74 -13.10 0.63 -10.89
CA VAL A 74 -14.15 1.34 -10.28
C VAL A 74 -14.10 2.71 -10.93
N ALA A 75 -15.22 3.12 -11.52
CA ALA A 75 -15.34 4.43 -12.16
C ALA A 75 -16.65 5.10 -11.75
N VAL A 76 -16.57 6.40 -11.41
CA VAL A 76 -17.75 7.20 -11.06
C VAL A 76 -17.67 8.52 -11.79
N MSE A 77 -18.78 8.92 -12.41
CA MSE A 77 -18.83 10.14 -13.19
C MSE A 77 -18.48 11.29 -12.28
O MSE A 77 -18.97 11.37 -11.14
CB MSE A 77 -20.21 10.37 -13.87
CG MSE A 77 -20.63 9.23 -14.79
SE MSE A 77 -19.48 9.27 -16.39
CE MSE A 77 -20.55 10.71 -17.22
N LYS A 78 -17.64 12.21 -12.78
CA LYS A 78 -17.16 13.35 -11.95
C LYS A 78 -18.25 14.06 -11.15
N SER A 79 -19.37 14.37 -11.80
CA SER A 79 -20.46 15.15 -11.18
C SER A 79 -21.16 14.43 -10.02
N HIS A 80 -20.92 13.13 -9.89
CA HIS A 80 -21.42 12.32 -8.78
C HIS A 80 -20.40 11.84 -7.70
N ARG A 81 -19.15 12.31 -7.76
CA ARG A 81 -18.11 11.84 -6.83
C ARG A 81 -18.18 12.46 -5.44
N GLY A 82 -18.04 11.60 -4.45
CA GLY A 82 -17.99 12.05 -3.06
C GLY A 82 -18.04 10.87 -2.12
N GLN A 83 -17.85 11.18 -0.84
CA GLN A 83 -17.86 10.11 0.17
C GLN A 83 -19.20 9.38 0.22
N GLY A 84 -20.28 10.13 0.10
CA GLY A 84 -21.61 9.53 0.05
C GLY A 84 -21.75 8.45 -1.03
N MSE A 85 -21.41 8.81 -2.28
CA MSE A 85 -21.46 7.88 -3.41
C MSE A 85 -20.50 6.75 -3.12
O MSE A 85 -20.81 5.61 -3.33
CB MSE A 85 -21.14 8.64 -4.69
CG MSE A 85 -20.85 7.79 -5.92
SE MSE A 85 -22.37 6.55 -6.24
CE MSE A 85 -23.35 7.87 -7.30
N GLY A 86 -19.31 7.10 -2.63
CA GLY A 86 -18.29 6.07 -2.34
C GLY A 86 -18.84 5.01 -1.43
N ARG A 87 -19.54 5.47 -0.39
CA ARG A 87 -20.07 4.57 0.59
C ARG A 87 -21.19 3.74 -0.04
N MSE A 88 -22.05 4.40 -0.82
CA MSE A 88 -23.14 3.67 -1.48
C MSE A 88 -22.60 2.64 -2.45
O MSE A 88 -23.07 1.50 -2.46
CB MSE A 88 -24.07 4.65 -2.20
CG MSE A 88 -25.06 5.33 -1.26
SE MSE A 88 -26.16 6.55 -2.39
CE MSE A 88 -25.40 8.27 -1.87
N LEU A 89 -21.58 3.01 -3.20
CA LEU A 89 -20.97 2.09 -4.16
C LEU A 89 -20.35 0.85 -3.45
N MSE A 90 -19.59 1.14 -2.40
CA MSE A 90 -18.89 0.08 -1.70
C MSE A 90 -19.90 -0.81 -1.01
O MSE A 90 -19.75 -2.02 -1.05
CB MSE A 90 -17.87 0.64 -0.70
CG MSE A 90 -16.62 1.23 -1.40
SE MSE A 90 -15.71 -0.04 -2.61
CE MSE A 90 -15.51 -1.38 -1.21
N GLN A 91 -20.95 -0.24 -0.42
CA GLN A 91 -21.96 -1.09 0.16
C GLN A 91 -22.58 -2.11 -0.83
N ALA A 92 -22.81 -1.60 -2.05
CA ALA A 92 -23.41 -2.40 -3.13
C ALA A 92 -22.45 -3.49 -3.59
N VAL A 93 -21.17 -3.13 -3.72
CA VAL A 93 -20.13 -4.07 -4.10
C VAL A 93 -20.02 -5.16 -3.06
N GLU A 94 -19.98 -4.78 -1.79
CA GLU A 94 -19.92 -5.77 -0.71
C GLU A 94 -21.13 -6.71 -0.74
N SER A 95 -22.31 -6.13 -0.91
CA SER A 95 -23.54 -6.92 -0.97
C SER A 95 -23.56 -7.90 -2.11
N LEU A 96 -23.10 -7.45 -3.29
CA LEU A 96 -23.07 -8.32 -4.42
C LEU A 96 -22.12 -9.47 -4.24
N ALA A 97 -20.90 -9.16 -3.82
CA ALA A 97 -19.87 -10.18 -3.51
C ALA A 97 -20.37 -11.23 -2.53
N LYS A 98 -21.03 -10.78 -1.47
CA LYS A 98 -21.61 -11.69 -0.50
C LYS A 98 -22.64 -12.59 -1.14
N ASP A 99 -23.54 -11.95 -1.91
CA ASP A 99 -24.59 -12.69 -2.57
C ASP A 99 -24.03 -13.73 -3.54
N GLU A 100 -22.91 -13.44 -4.18
CA GLU A 100 -22.27 -14.37 -5.11
C GLU A 100 -21.41 -15.44 -4.43
N GLY A 101 -21.45 -15.48 -3.09
CA GLY A 101 -20.86 -16.55 -2.31
C GLY A 101 -19.42 -16.28 -1.89
N PHE A 102 -18.98 -15.03 -1.89
CA PHE A 102 -17.60 -14.75 -1.42
C PHE A 102 -17.53 -14.21 -0.01
N TYR A 103 -16.36 -14.34 0.57
CA TYR A 103 -16.17 -13.99 1.99
C TYR A 103 -15.23 -12.82 2.25
N VAL A 104 -14.37 -12.52 1.27
CA VAL A 104 -13.33 -11.50 1.40
C VAL A 104 -13.26 -10.65 0.17
N ALA A 105 -13.17 -9.32 0.33
CA ALA A 105 -12.88 -8.40 -0.77
C ALA A 105 -11.49 -7.80 -0.58
N THR A 106 -10.76 -7.67 -1.69
CA THR A 106 -9.48 -7.03 -1.71
C THR A 106 -9.52 -5.89 -2.75
N MSE A 107 -8.73 -4.87 -2.52
CA MSE A 107 -8.63 -3.81 -3.51
C MSE A 107 -7.43 -2.96 -3.29
O MSE A 107 -6.89 -2.89 -2.16
CB MSE A 107 -9.84 -2.91 -3.62
CG MSE A 107 -10.21 -1.99 -2.49
SE MSE A 107 -12.14 -1.51 -2.82
CE MSE A 107 -12.15 -0.50 -4.47
N ASN A 108 -6.99 -2.35 -4.38
CA ASN A 108 -5.85 -1.45 -4.30
CA ASN A 108 -5.85 -1.44 -4.37
C ASN A 108 -6.32 -0.03 -3.98
N ALA A 109 -5.56 0.65 -3.14
CA ALA A 109 -5.91 1.99 -2.68
C ALA A 109 -4.72 2.89 -2.71
N GLN A 110 -4.90 4.14 -3.12
CA GLN A 110 -3.88 5.12 -3.00
C GLN A 110 -3.93 5.74 -1.61
N CYS A 111 -2.81 6.38 -1.23
CA CYS A 111 -2.67 6.98 0.12
C CYS A 111 -3.84 7.86 0.48
N HIS A 112 -4.27 8.73 -0.46
CA HIS A 112 -5.34 9.68 -0.14
C HIS A 112 -6.69 8.99 0.24
N ALA A 113 -6.88 7.76 -0.22
CA ALA A 113 -8.14 7.05 -0.02
C ALA A 113 -8.14 6.19 1.25
N ILE A 114 -6.97 5.91 1.82
CA ILE A 114 -6.89 5.02 2.99
C ILE A 114 -7.83 5.40 4.15
N PRO A 115 -7.97 6.69 4.50
CA PRO A 115 -8.92 7.01 5.59
C PRO A 115 -10.34 6.59 5.26
N PHE A 116 -10.73 6.79 4.01
CA PHE A 116 -12.03 6.35 3.55
C PHE A 116 -12.21 4.84 3.70
N TYR A 117 -11.29 4.05 3.13
CA TYR A 117 -11.38 2.60 3.27
C TYR A 117 -11.36 2.13 4.73
N GLU A 118 -10.53 2.73 5.55
CA GLU A 118 -10.53 2.38 6.96
C GLU A 118 -11.92 2.62 7.63
N SER A 119 -12.62 3.68 7.22
CA SER A 119 -13.97 3.99 7.81
C SER A 119 -14.99 2.92 7.39
N LEU A 120 -14.69 2.19 6.30
CA LEU A 120 -15.47 1.01 5.91
C LEU A 120 -15.00 -0.32 6.46
N ASN A 121 -14.09 -0.28 7.42
N ASN A 121 -14.10 -0.31 7.43
CA ASN A 121 -13.51 -1.47 8.02
CA ASN A 121 -13.58 -1.52 8.03
C ASN A 121 -12.64 -2.33 7.10
C ASN A 121 -12.66 -2.35 7.09
N PHE A 122 -12.14 -1.73 6.04
CA PHE A 122 -10.99 -2.33 5.33
C PHE A 122 -9.71 -2.21 6.18
N LYS A 123 -8.81 -3.17 5.99
CA LYS A 123 -7.56 -3.33 6.70
C LYS A 123 -6.42 -3.43 5.72
N MSE A 124 -5.34 -2.73 6.01
CA MSE A 124 -4.15 -2.81 5.17
C MSE A 124 -3.61 -4.24 5.17
O MSE A 124 -3.63 -4.92 6.21
CB MSE A 124 -3.15 -1.87 5.84
CG MSE A 124 -1.86 -1.76 5.14
SE MSE A 124 -0.54 -3.05 5.75
CE MSE A 124 0.15 -2.18 7.38
N ARG A 125 -3.10 -4.70 4.02
N ARG A 125 -3.13 -4.69 4.01
CA ARG A 125 -2.39 -5.99 3.95
CA ARG A 125 -2.39 -5.93 3.91
C ARG A 125 -1.11 -5.80 3.14
C ARG A 125 -1.04 -5.56 3.28
N GLY A 126 0.03 -6.20 3.71
CA GLY A 126 1.34 -6.02 3.10
C GLY A 126 2.34 -5.51 4.10
N ASN A 127 3.45 -5.04 3.57
CA ASN A 127 4.59 -4.61 4.38
C ASN A 127 4.26 -3.32 5.18
N ILE A 128 4.93 -3.18 6.34
CA ILE A 128 4.79 -2.01 7.16
C ILE A 128 5.39 -0.71 6.63
N PHE A 129 6.08 -0.78 5.49
CA PHE A 129 6.74 0.33 4.96
C PHE A 129 6.62 0.23 3.43
N LEU A 130 6.41 1.40 2.83
CA LEU A 130 6.35 1.50 1.38
C LEU A 130 7.61 2.22 0.88
N GLU A 131 8.23 1.63 -0.13
CA GLU A 131 9.39 2.26 -0.75
C GLU A 131 8.95 3.57 -1.39
N GLU A 132 9.78 4.59 -1.27
CA GLU A 132 9.51 5.86 -1.88
C GLU A 132 9.10 5.68 -3.34
N GLY A 133 7.98 6.26 -3.71
CA GLY A 133 7.47 6.07 -5.04
C GLY A 133 6.24 5.20 -5.01
N ILE A 134 6.10 4.33 -4.02
CA ILE A 134 4.90 3.48 -3.91
C ILE A 134 3.90 4.22 -3.00
N GLU A 135 2.80 4.63 -3.57
CA GLU A 135 1.76 5.35 -2.80
C GLU A 135 0.42 4.67 -2.96
N HIS A 136 0.47 3.33 -3.01
CA HIS A 136 -0.71 2.50 -3.03
C HIS A 136 -0.50 1.17 -2.25
N ILE A 137 -1.58 0.59 -1.78
CA ILE A 137 -1.52 -0.61 -0.97
C ILE A 137 -2.73 -1.46 -1.23
N GLU A 138 -2.61 -2.75 -0.91
CA GLU A 138 -3.75 -3.62 -0.94
C GLU A 138 -4.52 -3.49 0.39
N MSE A 139 -5.83 -3.45 0.30
CA MSE A 139 -6.67 -3.44 1.49
C MSE A 139 -7.65 -4.55 1.37
O MSE A 139 -8.06 -4.90 0.25
CB MSE A 139 -7.46 -2.16 1.58
CG MSE A 139 -6.53 -1.02 1.26
SE MSE A 139 -7.05 0.43 2.41
CE MSE A 139 -5.80 -0.14 3.79
N THR A 140 -8.05 -5.11 2.49
CA THR A 140 -8.95 -6.24 2.47
C THR A 140 -10.05 -6.08 3.51
N LYS A 141 -11.16 -6.75 3.26
CA LYS A 141 -12.32 -6.68 4.19
C LYS A 141 -13.02 -8.02 4.22
N LYS A 142 -13.29 -8.49 5.42
CA LYS A 142 -14.02 -9.69 5.67
C LYS A 142 -15.48 -9.31 5.53
N LEU A 143 -16.17 -10.00 4.64
CA LEU A 143 -17.54 -9.67 4.36
C LEU A 143 -18.48 -10.34 5.36
N THR A 144 -18.02 -11.32 6.11
CA THR A 144 -18.88 -11.97 7.10
C THR A 144 -18.32 -11.74 8.48
N SER B 1 10.18 -14.28 20.29
CA SER B 1 10.66 -14.37 18.87
C SER B 1 12.05 -14.96 18.89
N ASN B 2 12.40 -15.60 17.78
CA ASN B 2 13.74 -16.16 17.58
C ASN B 2 14.67 -15.30 16.72
N ALA B 3 14.19 -14.13 16.29
CA ALA B 3 14.92 -13.28 15.36
C ALA B 3 16.10 -12.61 16.04
N MSE B 4 17.17 -12.45 15.28
CA MSE B 4 18.39 -11.79 15.73
C MSE B 4 18.77 -10.74 14.71
O MSE B 4 19.05 -11.08 13.56
CB MSE B 4 19.50 -12.80 15.91
CG MSE B 4 20.79 -12.17 16.45
SE MSE B 4 20.46 -11.51 18.30
CE MSE B 4 22.32 -10.98 18.60
N PHE B 5 18.80 -9.46 15.13
CA PHE B 5 19.18 -8.36 14.29
C PHE B 5 20.64 -7.94 14.51
N SER B 6 21.34 -7.72 13.38
CA SER B 6 22.75 -7.37 13.39
C SER B 6 23.03 -6.34 12.30
N LYS B 7 24.07 -5.56 12.53
CA LYS B 7 24.59 -4.69 11.47
C LYS B 7 25.22 -5.54 10.40
N VAL B 8 25.08 -5.13 9.15
CA VAL B 8 25.71 -5.87 8.04
C VAL B 8 27.20 -5.53 8.03
N ASN B 9 28.04 -6.55 8.12
CA ASN B 9 29.50 -6.40 7.99
C ASN B 9 30.16 -7.33 6.96
N ASN B 10 29.36 -8.03 6.16
CA ASN B 10 29.88 -8.82 5.07
C ASN B 10 28.94 -8.85 3.89
N GLN B 11 29.52 -9.26 2.77
N GLN B 11 29.51 -9.24 2.75
CA GLN B 11 28.89 -9.26 1.50
CA GLN B 11 28.78 -9.17 1.50
C GLN B 11 27.66 -10.16 1.43
C GLN B 11 27.61 -10.14 1.43
N LYS B 12 27.71 -11.30 2.11
CA LYS B 12 26.58 -12.20 2.19
CA LYS B 12 26.56 -12.19 2.17
C LYS B 12 25.33 -11.60 2.90
N MSE B 13 25.64 -10.98 4.02
CA MSE B 13 24.66 -10.31 4.84
C MSE B 13 24.02 -9.18 4.00
O MSE B 13 22.79 -9.04 4.01
CB MSE B 13 25.32 -9.71 6.08
CG MSE B 13 25.70 -10.76 7.07
SE MSE B 13 26.71 -9.98 8.57
CE MSE B 13 25.26 -9.64 9.82
N LEU B 14 24.83 -8.47 3.23
CA LEU B 14 24.28 -7.39 2.36
C LEU B 14 23.39 -7.98 1.25
N GLU B 15 23.87 -9.07 0.62
CA GLU B 15 23.04 -9.74 -0.35
C GLU B 15 21.73 -10.25 0.18
N ASP B 16 21.73 -10.73 1.43
CA ASP B 16 20.47 -11.10 2.11
C ASP B 16 19.50 -9.88 2.27
N CYS B 17 20.02 -8.69 2.55
CA CYS B 17 19.23 -7.46 2.51
C CYS B 17 18.58 -7.25 1.17
N PHE B 18 19.39 -7.34 0.14
CA PHE B 18 18.90 -7.18 -1.19
C PHE B 18 17.87 -8.19 -1.58
N TYR B 19 18.04 -9.42 -1.14
CA TYR B 19 17.11 -10.47 -1.41
C TYR B 19 15.71 -10.16 -0.83
N ILE B 20 15.70 -9.75 0.43
CA ILE B 20 14.45 -9.42 1.04
C ILE B 20 13.84 -8.21 0.30
N ARG B 21 14.69 -7.22 -0.01
CA ARG B 21 14.21 -6.03 -0.71
C ARG B 21 13.54 -6.39 -2.08
N LYS B 22 14.19 -7.35 -2.79
CA LYS B 22 13.62 -7.87 -4.02
C LYS B 22 12.25 -8.54 -3.77
N LYS B 23 12.19 -9.44 -2.80
CA LYS B 23 10.89 -10.13 -2.50
C LYS B 23 9.77 -9.12 -2.17
N VAL B 24 10.14 -8.06 -1.43
CA VAL B 24 9.15 -7.14 -0.87
C VAL B 24 8.90 -5.91 -1.79
N PHE B 25 9.93 -5.14 -2.13
CA PHE B 25 9.71 -3.91 -2.88
C PHE B 25 9.48 -4.13 -4.35
N VAL B 26 10.22 -5.08 -4.91
CA VAL B 26 10.09 -5.39 -6.33
C VAL B 26 8.91 -6.29 -6.57
N GLU B 27 8.87 -7.47 -5.94
CA GLU B 27 7.83 -8.44 -6.29
C GLU B 27 6.44 -8.11 -5.75
N GLU B 28 6.36 -7.62 -4.52
CA GLU B 28 5.13 -7.21 -3.93
C GLU B 28 4.67 -5.80 -4.30
N GLN B 29 5.55 -4.82 -4.20
CA GLN B 29 5.14 -3.43 -4.37
C GLN B 29 5.31 -2.91 -5.77
N GLY B 30 6.16 -3.55 -6.58
CA GLY B 30 6.29 -3.13 -7.98
C GLY B 30 7.37 -2.14 -8.35
N ILE B 31 8.34 -1.98 -7.47
CA ILE B 31 9.52 -1.21 -7.81
C ILE B 31 10.18 -1.95 -8.92
N PRO B 32 10.67 -1.25 -9.95
CA PRO B 32 11.39 -1.98 -10.99
C PRO B 32 12.67 -2.65 -10.49
N GLU B 33 12.84 -3.92 -10.84
CA GLU B 33 13.95 -4.72 -10.38
C GLU B 33 15.27 -4.00 -10.61
N GLU B 34 15.41 -3.34 -11.76
CA GLU B 34 16.64 -2.65 -12.11
C GLU B 34 16.92 -1.37 -11.35
N SER B 35 15.92 -0.82 -10.62
CA SER B 35 16.07 0.38 -9.82
C SER B 35 16.12 0.18 -8.32
N GLU B 36 15.93 -1.03 -7.82
CA GLU B 36 15.81 -1.26 -6.35
C GLU B 36 17.12 -0.92 -5.63
N ILE B 37 18.24 -1.36 -6.20
CA ILE B 37 19.53 -1.03 -5.65
C ILE B 37 19.88 0.39 -6.18
N ASP B 38 20.24 1.29 -5.28
CA ASP B 38 20.41 2.74 -5.68
C ASP B 38 21.80 3.24 -5.26
N GLU B 39 22.03 4.54 -5.43
CA GLU B 39 23.32 5.12 -5.26
C GLU B 39 23.75 5.21 -3.81
N TYR B 40 22.85 4.93 -2.90
CA TYR B 40 23.10 5.12 -1.48
C TYR B 40 23.54 3.88 -0.73
N GLU B 41 23.66 2.74 -1.44
CA GLU B 41 24.02 1.50 -0.68
C GLU B 41 25.33 1.62 0.10
N SER B 42 26.33 2.16 -0.57
CA SER B 42 27.65 2.17 -0.05
C SER B 42 27.82 3.09 1.19
N GLU B 43 27.14 4.22 1.19
CA GLU B 43 27.26 5.16 2.27
C GLU B 43 26.29 4.88 3.44
N SER B 44 25.31 4.07 3.20
CA SER B 44 24.34 3.70 4.23
C SER B 44 24.85 2.58 5.16
N ILE B 45 24.20 2.46 6.29
CA ILE B 45 24.43 1.38 7.21
C ILE B 45 23.28 0.39 7.09
N HIS B 46 23.55 -0.90 6.96
CA HIS B 46 22.47 -1.85 6.74
C HIS B 46 22.24 -2.79 7.93
N LEU B 47 21.00 -3.14 8.15
CA LEU B 47 20.56 -4.01 9.26
C LEU B 47 19.86 -5.24 8.67
N ILE B 48 20.21 -6.39 9.17
CA ILE B 48 19.63 -7.68 8.77
C ILE B 48 19.19 -8.51 9.98
N GLY B 49 18.01 -9.09 9.84
CA GLY B 49 17.37 -9.95 10.83
C GLY B 49 17.30 -11.37 10.33
N TYR B 50 17.86 -12.27 11.09
CA TYR B 50 17.80 -13.72 10.80
C TYR B 50 16.92 -14.43 11.77
N ASP B 51 16.30 -15.51 11.31
CA ASP B 51 15.59 -16.42 12.23
C ASP B 51 16.05 -17.83 11.84
N ASN B 52 16.84 -18.46 12.71
CA ASN B 52 17.44 -19.76 12.49
C ASN B 52 18.12 -19.82 11.12
N GLY B 53 18.81 -18.71 10.87
CA GLY B 53 19.59 -18.50 9.61
C GLY B 53 18.86 -18.12 8.37
N GLN B 54 17.54 -17.95 8.43
CA GLN B 54 16.77 -17.46 7.29
C GLN B 54 16.75 -15.93 7.40
N PRO B 55 17.07 -15.19 6.33
CA PRO B 55 16.92 -13.73 6.37
C PRO B 55 15.43 -13.31 6.35
N VAL B 56 14.99 -12.63 7.38
CA VAL B 56 13.56 -12.37 7.52
C VAL B 56 13.23 -10.86 7.53
N ALA B 57 14.19 -10.03 7.86
CA ALA B 57 13.86 -8.59 7.96
C ALA B 57 15.09 -7.78 7.66
N THR B 58 14.91 -6.50 7.25
CA THR B 58 16.00 -5.63 6.91
C THR B 58 15.60 -4.19 6.95
N ALA B 59 16.56 -3.33 7.19
CA ALA B 59 16.38 -1.88 7.01
C ALA B 59 17.71 -1.23 6.65
N ARG B 60 17.66 0.01 6.17
CA ARG B 60 18.84 0.75 5.81
C ARG B 60 18.74 2.06 6.52
N ILE B 61 19.88 2.50 7.06
CA ILE B 61 20.00 3.74 7.76
C ILE B 61 20.96 4.61 6.95
N ARG B 62 20.47 5.73 6.42
CA ARG B 62 21.29 6.58 5.56
C ARG B 62 21.56 7.95 6.20
N PRO B 63 22.84 8.25 6.50
CA PRO B 63 23.19 9.52 7.09
C PRO B 63 22.84 10.62 6.11
N ILE B 64 22.09 11.59 6.60
CA ILE B 64 21.71 12.77 5.86
C ILE B 64 22.59 13.95 6.23
N ASN B 65 23.01 13.99 7.48
CA ASN B 65 23.95 14.97 7.98
C ASN B 65 24.56 14.42 9.26
N GLU B 66 25.33 15.22 9.98
CA GLU B 66 26.07 14.76 11.17
C GLU B 66 25.17 14.25 12.27
N THR B 67 23.96 14.80 12.37
CA THR B 67 23.03 14.42 13.41
C THR B 67 21.89 13.45 12.97
N THR B 68 21.60 13.37 11.67
CA THR B 68 20.37 12.78 11.19
C THR B 68 20.60 11.62 10.22
N VAL B 69 19.86 10.52 10.44
CA VAL B 69 19.73 9.45 9.49
C VAL B 69 18.31 9.34 8.95
N LYS B 70 18.20 8.91 7.71
CA LYS B 70 16.92 8.56 7.12
C LYS B 70 16.76 7.03 7.14
N ILE B 71 15.65 6.57 7.68
CA ILE B 71 15.37 5.14 7.73
C ILE B 71 14.62 4.77 6.42
N GLU B 72 15.14 3.79 5.69
CA GLU B 72 14.64 3.44 4.35
C GLU B 72 14.63 1.90 4.18
N ARG B 73 13.98 1.46 3.14
CA ARG B 73 13.98 0.02 2.77
C ARG B 73 13.70 -0.93 3.96
N VAL B 74 12.71 -0.57 4.78
CA VAL B 74 12.28 -1.36 5.91
C VAL B 74 11.37 -2.49 5.37
N ALA B 75 11.80 -3.73 5.56
CA ALA B 75 11.08 -4.83 4.96
C ALA B 75 11.13 -6.12 5.80
N VAL B 76 9.96 -6.78 5.88
CA VAL B 76 9.83 -8.04 6.59
C VAL B 76 9.19 -9.01 5.65
N MSE B 77 9.73 -10.23 5.62
CA MSE B 77 9.12 -11.27 4.78
C MSE B 77 7.74 -11.58 5.34
O MSE B 77 7.53 -11.59 6.55
CB MSE B 77 10.02 -12.52 4.79
CG MSE B 77 11.43 -12.34 4.25
SE MSE B 77 11.40 -12.10 2.32
CE MSE B 77 10.89 -13.93 1.93
N LYS B 78 6.81 -11.89 4.43
CA LYS B 78 5.45 -12.25 4.84
C LYS B 78 5.32 -13.21 6.02
N SER B 79 6.14 -14.22 6.03
CA SER B 79 6.13 -15.23 7.08
C SER B 79 6.30 -14.71 8.48
N HIS B 80 6.92 -13.53 8.62
CA HIS B 80 7.30 -13.00 9.93
C HIS B 80 6.59 -11.66 10.23
N ARG B 81 5.58 -11.28 9.44
CA ARG B 81 4.95 -9.99 9.67
C ARG B 81 4.07 -10.03 10.92
N GLY B 82 4.11 -8.94 11.67
CA GLY B 82 3.25 -8.76 12.85
C GLY B 82 3.74 -7.54 13.60
N GLN B 83 2.91 -7.01 14.52
CA GLN B 83 3.29 -5.74 15.17
C GLN B 83 4.50 -5.95 16.06
N GLY B 84 4.56 -7.09 16.74
CA GLY B 84 5.74 -7.45 17.53
C GLY B 84 7.04 -7.42 16.72
N MSE B 85 7.06 -8.07 15.56
CA MSE B 85 8.23 -8.10 14.68
C MSE B 85 8.58 -6.72 14.19
O MSE B 85 9.75 -6.35 14.19
CB MSE B 85 7.98 -9.00 13.50
CG MSE B 85 9.04 -8.99 12.41
SE MSE B 85 10.83 -9.51 13.09
CE MSE B 85 10.52 -11.32 13.47
N GLY B 86 7.58 -5.95 13.80
CA GLY B 86 7.84 -4.57 13.35
C GLY B 86 8.50 -3.70 14.41
N ARG B 87 7.97 -3.81 15.63
CA ARG B 87 8.53 -3.11 16.76
C ARG B 87 9.96 -3.53 17.07
N MSE B 88 10.23 -4.85 17.02
CA MSE B 88 11.57 -5.33 17.24
C MSE B 88 12.54 -4.80 16.19
O MSE B 88 13.68 -4.43 16.49
CB MSE B 88 11.48 -6.88 17.16
CG MSE B 88 12.69 -7.50 17.73
SE MSE B 88 12.23 -9.43 17.99
CE MSE B 88 11.17 -9.13 19.57
N LEU B 89 12.09 -4.80 14.94
CA LEU B 89 12.93 -4.36 13.84
C LEU B 89 13.25 -2.85 14.03
N MSE B 90 12.21 -2.06 14.34
CA MSE B 90 12.43 -0.62 14.55
C MSE B 90 13.30 -0.31 15.77
O MSE B 90 14.12 0.63 15.73
CB MSE B 90 11.10 0.11 14.56
CG MSE B 90 10.39 0.19 13.20
SE MSE B 90 11.46 1.01 11.76
CE MSE B 90 11.43 2.84 12.46
N GLN B 91 13.13 -1.08 16.86
N GLN B 91 13.15 -1.09 16.84
CA GLN B 91 14.02 -1.01 18.07
CA GLN B 91 14.02 -0.94 17.99
C GLN B 91 15.51 -1.20 17.66
C GLN B 91 15.50 -1.19 17.65
N ALA B 92 15.73 -2.24 16.89
CA ALA B 92 17.09 -2.55 16.43
C ALA B 92 17.65 -1.43 15.51
N VAL B 93 16.81 -0.92 14.62
CA VAL B 93 17.16 0.25 13.78
C VAL B 93 17.58 1.45 14.62
N GLU B 94 16.77 1.77 15.61
CA GLU B 94 17.02 2.94 16.44
C GLU B 94 18.28 2.74 17.29
N SER B 95 18.51 1.54 17.80
CA SER B 95 19.71 1.24 18.57
C SER B 95 20.93 1.35 17.68
N LEU B 96 20.84 0.79 16.49
CA LEU B 96 21.93 0.92 15.55
C LEU B 96 22.27 2.43 15.19
N ALA B 97 21.24 3.21 14.87
CA ALA B 97 21.40 4.67 14.61
C ALA B 97 22.10 5.38 15.77
N LYS B 98 21.63 5.13 16.99
CA LYS B 98 22.26 5.65 18.17
C LYS B 98 23.71 5.26 18.30
N ASP B 99 23.95 3.96 18.13
CA ASP B 99 25.31 3.42 18.30
C ASP B 99 26.27 4.03 17.26
N GLU B 100 25.76 4.38 16.07
CA GLU B 100 26.55 5.01 15.04
C GLU B 100 26.75 6.53 15.25
N GLY B 101 26.22 7.09 16.31
CA GLY B 101 26.46 8.51 16.69
C GLY B 101 25.39 9.50 16.26
N PHE B 102 24.20 9.02 15.87
CA PHE B 102 23.15 9.91 15.33
C PHE B 102 22.15 10.26 16.41
N TYR B 103 21.52 11.42 16.30
CA TYR B 103 20.55 11.92 17.29
C TYR B 103 19.09 11.89 16.84
N VAL B 104 18.88 11.96 15.52
CA VAL B 104 17.57 12.04 14.96
C VAL B 104 17.40 11.04 13.85
N ALA B 105 16.24 10.43 13.83
CA ALA B 105 15.81 9.63 12.72
C ALA B 105 14.63 10.21 12.00
N THR B 106 14.73 10.19 10.68
CA THR B 106 13.64 10.65 9.83
C THR B 106 13.22 9.60 8.86
N MSE B 107 11.97 9.68 8.40
CA MSE B 107 11.48 8.81 7.37
C MSE B 107 10.37 9.43 6.58
O MSE B 107 9.67 10.35 7.05
CB MSE B 107 11.12 7.41 7.92
CG MSE B 107 10.33 7.35 9.22
SE MSE B 107 10.37 5.44 9.94
CE MSE B 107 9.58 4.65 8.38
N ASN B 108 10.13 8.93 5.39
CA ASN B 108 8.93 9.37 4.67
C ASN B 108 7.71 8.90 5.46
N ALA B 109 6.67 9.72 5.47
CA ALA B 109 5.46 9.38 6.15
C ALA B 109 4.88 8.12 5.49
N GLN B 110 4.36 7.25 6.29
CA GLN B 110 3.80 5.96 5.87
C GLN B 110 2.25 5.99 6.02
N CYS B 111 1.57 6.36 4.92
CA CYS B 111 0.11 6.64 4.88
C CYS B 111 -0.73 5.48 5.35
N HIS B 112 -0.24 4.28 5.15
CA HIS B 112 -0.98 3.09 5.52
C HIS B 112 -0.73 2.55 6.92
N ALA B 113 0.19 3.17 7.68
CA ALA B 113 0.60 2.63 8.97
C ALA B 113 0.89 3.77 9.97
N ILE B 114 0.04 4.78 9.94
CA ILE B 114 0.30 5.98 10.76
C ILE B 114 0.24 5.63 12.25
N PRO B 115 -0.71 4.80 12.68
CA PRO B 115 -0.74 4.49 14.14
C PRO B 115 0.52 3.75 14.63
N PHE B 116 0.99 2.81 13.82
CA PHE B 116 2.17 2.05 14.14
C PHE B 116 3.34 3.00 14.37
N TYR B 117 3.64 3.83 13.39
CA TYR B 117 4.81 4.75 13.58
C TYR B 117 4.61 5.83 14.66
N GLU B 118 3.37 6.26 14.87
CA GLU B 118 3.05 7.13 15.99
C GLU B 118 3.35 6.47 17.30
N SER B 119 3.12 5.15 17.39
CA SER B 119 3.35 4.41 18.61
C SER B 119 4.82 4.29 18.95
N LEU B 120 5.68 4.43 17.94
CA LEU B 120 7.11 4.49 18.12
C LEU B 120 7.69 5.93 18.36
N ASN B 121 6.79 6.90 18.48
CA ASN B 121 7.11 8.30 18.72
C ASN B 121 7.77 8.94 17.54
N PHE B 122 7.41 8.51 16.33
CA PHE B 122 7.68 9.35 15.15
C PHE B 122 6.56 10.38 15.10
N LYS B 123 6.91 11.61 14.78
CA LYS B 123 6.01 12.76 14.72
C LYS B 123 6.00 13.26 13.29
N MSE B 124 4.81 13.34 12.71
CA MSE B 124 4.66 13.78 11.32
C MSE B 124 5.05 15.23 11.27
O MSE B 124 4.67 16.01 12.15
CB MSE B 124 3.26 13.58 10.74
CG MSE B 124 3.11 12.18 10.10
SE MSE B 124 1.42 12.03 9.10
CE MSE B 124 0.23 11.49 10.57
N ARG B 125 5.85 15.59 10.29
CA ARG B 125 6.28 16.95 10.06
C ARG B 125 6.02 17.26 8.61
N GLY B 126 5.28 18.32 8.36
CA GLY B 126 5.23 18.87 7.00
C GLY B 126 6.13 20.09 6.93
N ASN B 127 5.72 21.08 6.16
CA ASN B 127 6.44 22.32 6.11
C ASN B 127 5.49 23.44 5.70
N ILE B 128 4.86 24.02 6.70
CA ILE B 128 3.92 25.12 6.55
C ILE B 128 4.48 26.23 5.68
N PHE B 129 5.79 26.51 5.79
CA PHE B 129 6.36 27.74 5.28
C PHE B 129 7.00 27.55 3.91
N LEU B 130 6.82 26.39 3.31
CA LEU B 130 7.50 26.09 2.07
C LEU B 130 7.02 27.09 1.00
N GLU B 131 7.96 27.62 0.23
CA GLU B 131 7.67 28.65 -0.76
C GLU B 131 7.51 28.06 -2.15
N GLU B 132 8.34 27.08 -2.49
CA GLU B 132 8.29 26.46 -3.81
C GLU B 132 8.38 24.94 -3.70
N GLY B 133 7.87 24.30 -4.74
CA GLY B 133 7.85 22.87 -4.83
C GLY B 133 6.72 22.31 -4.01
N ILE B 134 6.79 20.99 -3.87
CA ILE B 134 5.71 20.17 -3.34
C ILE B 134 6.08 19.86 -1.89
N GLU B 135 5.07 19.95 -1.02
CA GLU B 135 5.25 19.73 0.40
C GLU B 135 5.35 18.23 0.55
N HIS B 136 6.44 17.75 1.14
N HIS B 136 6.43 17.75 1.16
CA HIS B 136 6.61 16.32 1.42
CA HIS B 136 6.64 16.34 1.42
C HIS B 136 6.50 16.09 2.91
C HIS B 136 6.49 16.11 2.92
N ILE B 137 5.77 15.07 3.30
CA ILE B 137 5.53 14.79 4.70
C ILE B 137 6.54 13.71 5.14
N GLU B 138 7.23 14.00 6.22
CA GLU B 138 8.17 13.08 6.82
C GLU B 138 7.75 12.88 8.26
N MSE B 139 8.41 11.94 8.93
CA MSE B 139 8.16 11.68 10.35
C MSE B 139 9.52 11.62 10.96
O MSE B 139 10.41 10.99 10.36
CB MSE B 139 7.57 10.31 10.57
CG MSE B 139 6.56 9.94 9.53
SE MSE B 139 5.66 8.27 9.90
CE MSE B 139 6.92 6.88 9.37
N THR B 140 9.70 12.17 12.15
CA THR B 140 11.01 12.20 12.80
C THR B 140 10.90 11.73 14.21
N LYS B 141 12.01 11.20 14.69
CA LYS B 141 12.11 10.75 16.06
C LYS B 141 13.42 11.21 16.64
N LYS B 142 13.34 11.79 17.82
CA LYS B 142 14.54 12.04 18.57
C LYS B 142 14.89 10.71 19.24
N LEU B 143 16.08 10.24 18.94
CA LEU B 143 16.59 9.00 19.40
C LEU B 143 16.96 9.07 20.91
N THR B 144 16.56 8.08 21.68
CA THR B 144 16.76 8.08 23.11
C THR B 144 17.05 6.67 23.59
N SER B 145 17.92 6.53 24.56
CA SER B 145 18.05 5.26 25.32
C SER B 145 17.15 5.20 26.58
N LEU B 146 16.57 6.33 26.98
CA LEU B 146 15.74 6.34 28.20
C LEU B 146 14.40 5.62 27.96
S SCN C . -10.16 0.76 -6.99
C SCN C . -10.38 0.39 -8.55
N SCN C . -10.45 0.15 -9.67
S SCN D . 12.83 3.46 0.71
C SCN D . 12.34 4.96 1.08
N SCN D . 11.89 5.98 1.42
S SCN E . 6.95 24.98 11.50
C SCN E . 6.44 24.11 10.24
N SCN E . 5.99 23.41 9.43
CL CL F . 6.15 -6.40 10.42
C1 EDO G . 6.60 -16.07 3.41
O1 EDO G . 7.71 -15.17 3.43
C2 EDO G . 6.22 -16.48 2.01
O2 EDO G . 5.78 -15.37 1.24
UNK UNX H . 22.02 -4.12 16.64
UNK UNX I . 15.47 6.31 -1.76
UNK UNX J . 28.69 10.09 13.03
#